data_4E92
#
_entry.id   4E92
#
_cell.length_a   81.709
_cell.length_b   81.709
_cell.length_c   90.150
_cell.angle_alpha   90.00
_cell.angle_beta   90.00
_cell.angle_gamma   90.00
#
_symmetry.space_group_name_H-M   'P 41 21 2'
#
loop_
_entity.id
_entity.type
_entity.pdbx_description
1 polymer 'Gag protein'
2 non-polymer '4-{2-[5-(3-chlorophenyl)-1H-pyrazol-4-yl]-1-[3-(1H-imidazol-1-yl)propyl]-1H-benzimidazol-5-yl}benzoic acid'
3 non-polymer '3-{5-[3-ethyl-5-(5-methylfuran-2-yl)-1H-pyrazol-1-yl]-1-[(6-oxo-1,6-dihydropyridin-3-yl)methyl]-1H-benzimidazol-2-yl}-4-hydroxybenzoic acid'
4 water water
#
_entity_poly.entity_id   1
_entity_poly.type   'polypeptide(L)'
_entity_poly.pdbx_seq_one_letter_code
;PIVQNLQGQMVHQAISPRTLNAWVKVVEEKAFSPEVIPMFSALSEGATPQDLNTMLNTVGGHQAAMQMLKETINEEAAEW
DRLHPVHAGPIAPGQMREPRGSDIAGTTSTLQEQIGWMTHNPPIPVGEIYKRWIILGLNKIVRMYS
;
_entity_poly.pdbx_strand_id   A,B
#
# COMPACT_ATOMS: atom_id res chain seq x y z
N PRO A 1 -14.57 3.07 -8.47
CA PRO A 1 -13.19 3.55 -8.55
C PRO A 1 -13.06 4.81 -9.39
N ILE A 2 -11.93 5.49 -9.26
CA ILE A 2 -11.64 6.66 -10.06
C ILE A 2 -10.65 6.29 -11.15
N VAL A 3 -11.03 6.49 -12.41
CA VAL A 3 -10.18 6.14 -13.53
C VAL A 3 -10.02 7.29 -14.52
N GLN A 4 -8.90 7.31 -15.21
CA GLN A 4 -8.64 8.32 -16.25
C GLN A 4 -9.28 7.88 -17.56
N ASN A 5 -10.12 8.74 -18.12
CA ASN A 5 -10.81 8.42 -19.37
C ASN A 5 -9.90 8.56 -20.59
N LEU A 6 -10.51 8.77 -21.75
CA LEU A 6 -9.77 8.87 -23.02
C LEU A 6 -9.07 10.22 -23.13
N GLN A 7 -9.72 11.28 -22.63
CA GLN A 7 -9.19 12.63 -22.74
C GLN A 7 -8.03 12.87 -21.77
N GLY A 8 -8.18 12.38 -20.54
CA GLY A 8 -7.16 12.54 -19.53
C GLY A 8 -7.73 13.01 -18.20
N GLN A 9 -9.05 13.14 -18.14
CA GLN A 9 -9.72 13.56 -16.92
C GLN A 9 -9.95 12.38 -15.98
N MET A 10 -10.01 12.67 -14.67
CA MET A 10 -10.27 11.63 -13.68
C MET A 10 -11.77 11.52 -13.43
N VAL A 11 -12.34 10.36 -13.76
CA VAL A 11 -13.78 10.16 -13.67
C VAL A 11 -14.11 9.01 -12.73
N HIS A 12 -15.20 9.14 -12.00
CA HIS A 12 -15.65 8.06 -11.12
C HIS A 12 -16.56 7.08 -11.86
N GLN A 13 -16.42 5.80 -11.53
CA GLN A 13 -17.30 4.78 -12.07
C GLN A 13 -17.57 3.71 -11.01
N ALA A 14 -18.72 3.06 -11.13
CA ALA A 14 -19.13 2.07 -10.13
C ALA A 14 -18.35 0.78 -10.29
N ILE A 15 -18.31 0.00 -9.21
CA ILE A 15 -17.75 -1.33 -9.26
C ILE A 15 -18.73 -2.21 -10.01
N SER A 16 -18.21 -3.03 -10.93
CA SER A 16 -19.07 -3.92 -11.70
C SER A 16 -19.49 -5.12 -10.87
N PRO A 17 -20.67 -5.69 -11.19
CA PRO A 17 -21.05 -6.95 -10.55
C PRO A 17 -19.97 -8.02 -10.73
N ARG A 18 -19.34 -8.05 -11.89
CA ARG A 18 -18.30 -9.03 -12.18
C ARG A 18 -17.17 -8.94 -11.15
N THR A 19 -16.78 -7.71 -10.81
CA THR A 19 -15.71 -7.48 -9.86
C THR A 19 -16.10 -7.95 -8.46
N LEU A 20 -17.31 -7.58 -8.05
CA LEU A 20 -17.81 -7.99 -6.74
C LEU A 20 -17.94 -9.51 -6.67
N ASN A 21 -18.34 -10.11 -7.79
CA ASN A 21 -18.46 -11.56 -7.87
C ASN A 21 -17.11 -12.27 -7.71
N ALA A 22 -16.08 -11.77 -8.39
CA ALA A 22 -14.74 -12.34 -8.31
C ALA A 22 -14.15 -12.19 -6.91
N TRP A 23 -14.54 -11.11 -6.22
CA TRP A 23 -14.06 -10.86 -4.87
C TRP A 23 -14.64 -11.86 -3.89
N VAL A 24 -15.95 -12.07 -3.96
CA VAL A 24 -16.58 -13.07 -3.09
C VAL A 24 -16.00 -14.44 -3.41
N LYS A 25 -15.81 -14.71 -4.70
CA LYS A 25 -15.24 -15.98 -5.16
C LYS A 25 -13.89 -16.27 -4.50
N VAL A 26 -12.98 -15.31 -4.52
CA VAL A 26 -11.64 -15.54 -4.00
C VAL A 26 -11.63 -15.62 -2.47
N VAL A 27 -12.43 -14.77 -1.82
CA VAL A 27 -12.50 -14.80 -0.37
C VAL A 27 -12.94 -16.17 0.13
N GLU A 28 -13.83 -16.84 -0.60
CA GLU A 28 -14.30 -18.15 -0.17
C GLU A 28 -13.51 -19.31 -0.73
N GLU A 29 -13.15 -19.23 -2.01
CA GLU A 29 -12.39 -20.31 -2.63
C GLU A 29 -11.03 -20.44 -1.96
N LYS A 30 -10.44 -19.31 -1.59
CA LYS A 30 -9.14 -19.28 -0.91
C LYS A 30 -9.28 -18.80 0.53
N ALA A 31 -10.40 -19.15 1.17
CA ALA A 31 -10.66 -18.74 2.54
C ALA A 31 -9.47 -19.02 3.45
N PHE A 32 -9.08 -18.02 4.23
CA PHE A 32 -7.99 -18.15 5.21
C PHE A 32 -6.60 -18.04 4.59
N SER A 33 -6.52 -18.06 3.26
CA SER A 33 -5.21 -18.01 2.61
C SER A 33 -4.73 -16.59 2.31
N PRO A 34 -3.42 -16.33 2.47
CA PRO A 34 -2.90 -15.01 2.10
C PRO A 34 -2.98 -14.76 0.60
N GLU A 35 -3.29 -15.80 -0.18
CA GLU A 35 -3.51 -15.65 -1.62
C GLU A 35 -4.62 -14.64 -1.90
N VAL A 36 -5.52 -14.47 -0.95
CA VAL A 36 -6.62 -13.53 -1.07
C VAL A 36 -6.13 -12.09 -1.20
N ILE A 37 -4.99 -11.80 -0.57
CA ILE A 37 -4.53 -10.42 -0.45
C ILE A 37 -4.09 -9.78 -1.79
N PRO A 38 -3.22 -10.45 -2.56
CA PRO A 38 -2.91 -9.84 -3.86
C PRO A 38 -4.14 -9.71 -4.76
N MET A 39 -5.12 -10.59 -4.59
CA MET A 39 -6.34 -10.51 -5.39
C MET A 39 -7.18 -9.32 -4.97
N PHE A 40 -7.22 -9.05 -3.67
CA PHE A 40 -7.87 -7.85 -3.16
C PHE A 40 -7.29 -6.60 -3.84
N SER A 41 -5.96 -6.53 -3.90
CA SER A 41 -5.29 -5.39 -4.52
C SER A 41 -5.65 -5.27 -6.00
N ALA A 42 -5.64 -6.41 -6.70
CA ALA A 42 -5.96 -6.43 -8.12
C ALA A 42 -7.41 -5.98 -8.39
N LEU A 43 -8.33 -6.40 -7.54
CA LEU A 43 -9.74 -6.11 -7.76
C LEU A 43 -10.15 -4.70 -7.31
N SER A 44 -9.27 -4.03 -6.58
CA SER A 44 -9.60 -2.73 -6.01
C SER A 44 -8.77 -1.59 -6.59
N GLU A 45 -8.33 -1.73 -7.84
CA GLU A 45 -7.56 -0.65 -8.45
C GLU A 45 -8.39 0.62 -8.55
N GLY A 46 -7.83 1.72 -8.07
CA GLY A 46 -8.47 3.03 -8.17
C GLY A 46 -9.60 3.24 -7.18
N ALA A 47 -9.75 2.30 -6.25
CA ALA A 47 -10.87 2.33 -5.32
C ALA A 47 -10.89 3.57 -4.42
N THR A 48 -12.07 4.11 -4.20
CA THR A 48 -12.31 5.09 -3.14
C THR A 48 -12.60 4.33 -1.86
N PRO A 49 -12.59 5.02 -0.71
CA PRO A 49 -12.98 4.37 0.54
C PRO A 49 -14.39 3.75 0.47
N GLN A 50 -15.33 4.43 -0.17
CA GLN A 50 -16.68 3.89 -0.34
C GLN A 50 -16.64 2.55 -1.08
N ASP A 51 -15.85 2.50 -2.15
CA ASP A 51 -15.67 1.27 -2.93
C ASP A 51 -15.16 0.14 -2.08
N LEU A 52 -14.17 0.44 -1.25
CA LEU A 52 -13.57 -0.57 -0.39
C LEU A 52 -14.61 -1.12 0.58
N ASN A 53 -15.45 -0.22 1.08
CA ASN A 53 -16.53 -0.62 1.99
C ASN A 53 -17.58 -1.47 1.30
N THR A 54 -17.86 -1.16 0.04
CA THR A 54 -18.78 -1.98 -0.73
C THR A 54 -18.22 -3.41 -0.80
N MET A 55 -16.93 -3.52 -1.10
CA MET A 55 -16.30 -4.83 -1.20
C MET A 55 -16.32 -5.57 0.13
N LEU A 56 -15.99 -4.86 1.21
CA LEU A 56 -15.97 -5.48 2.53
C LEU A 56 -17.36 -5.92 2.93
N ASN A 57 -18.35 -5.07 2.66
CA ASN A 57 -19.72 -5.39 3.01
C ASN A 57 -20.25 -6.62 2.27
N THR A 58 -19.79 -6.82 1.04
CA THR A 58 -20.21 -8.01 0.29
C THR A 58 -19.72 -9.30 0.93
N VAL A 59 -18.70 -9.20 1.76
CA VAL A 59 -18.25 -10.37 2.53
C VAL A 59 -18.43 -10.15 4.03
N GLY A 60 -19.40 -9.32 4.40
CA GLY A 60 -19.56 -8.86 5.76
C GLY A 60 -20.26 -9.81 6.73
N GLY A 61 -20.66 -10.98 6.24
CA GLY A 61 -21.36 -11.95 7.07
C GLY A 61 -20.42 -12.78 7.92
N HIS A 62 -19.12 -12.60 7.71
CA HIS A 62 -18.11 -13.35 8.45
C HIS A 62 -17.78 -12.62 9.76
N GLN A 63 -18.44 -13.05 10.83
CA GLN A 63 -18.46 -12.28 12.06
C GLN A 63 -17.09 -12.03 12.69
N ALA A 64 -16.35 -13.10 12.94
CA ALA A 64 -15.06 -12.97 13.60
C ALA A 64 -14.05 -12.20 12.74
N ALA A 65 -14.02 -12.52 11.46
CA ALA A 65 -13.12 -11.84 10.54
C ALA A 65 -13.40 -10.35 10.47
N MET A 66 -14.68 -9.99 10.38
CA MET A 66 -15.07 -8.59 10.26
C MET A 66 -14.74 -7.82 11.54
N GLN A 67 -14.86 -8.49 12.69
CA GLN A 67 -14.51 -7.89 13.96
C GLN A 67 -13.01 -7.61 14.08
N MET A 68 -12.20 -8.56 13.62
CA MET A 68 -10.76 -8.37 13.59
C MET A 68 -10.42 -7.20 12.67
N LEU A 69 -11.06 -7.18 11.50
CA LEU A 69 -10.85 -6.11 10.55
C LEU A 69 -11.23 -4.75 11.18
N LYS A 70 -12.38 -4.70 11.83
CA LYS A 70 -12.85 -3.45 12.40
C LYS A 70 -11.91 -2.91 13.47
N GLU A 71 -11.41 -3.78 14.32
CA GLU A 71 -10.51 -3.32 15.39
C GLU A 71 -9.17 -2.87 14.80
N THR A 72 -8.74 -3.52 13.72
CA THR A 72 -7.53 -3.09 13.02
C THR A 72 -7.71 -1.70 12.39
N ILE A 73 -8.83 -1.51 11.71
CA ILE A 73 -9.15 -0.22 11.12
C ILE A 73 -9.24 0.87 12.18
N ASN A 74 -9.89 0.58 13.31
CA ASN A 74 -9.96 1.57 14.39
C ASN A 74 -8.57 1.99 14.89
N GLU A 75 -7.67 1.02 15.00
CA GLU A 75 -6.32 1.30 15.47
C GLU A 75 -5.56 2.16 14.47
N GLU A 76 -5.68 1.81 13.19
CA GLU A 76 -4.97 2.54 12.14
C GLU A 76 -5.51 3.96 11.99
N ALA A 77 -6.82 4.13 12.14
CA ALA A 77 -7.43 5.44 12.06
C ALA A 77 -6.95 6.33 13.22
N ALA A 78 -6.80 5.74 14.40
CA ALA A 78 -6.27 6.47 15.55
C ALA A 78 -4.82 6.90 15.32
N GLU A 79 -4.03 6.00 14.71
CA GLU A 79 -2.64 6.33 14.41
C GLU A 79 -2.58 7.42 13.34
N TRP A 80 -3.50 7.38 12.38
CA TRP A 80 -3.57 8.44 11.38
C TRP A 80 -3.79 9.78 12.05
N ASP A 81 -4.69 9.82 13.03
CA ASP A 81 -5.00 11.06 13.72
C ASP A 81 -3.81 11.59 14.52
N ARG A 82 -2.96 10.69 15.00
CA ARG A 82 -1.75 11.08 15.72
C ARG A 82 -0.71 11.62 14.75
N LEU A 83 -0.58 10.95 13.61
CA LEU A 83 0.44 11.30 12.62
C LEU A 83 0.10 12.55 11.82
N HIS A 84 -1.19 12.77 11.60
CA HIS A 84 -1.63 13.87 10.74
C HIS A 84 -2.86 14.55 11.34
N PRO A 85 -2.67 15.23 12.48
CA PRO A 85 -3.79 15.88 13.17
C PRO A 85 -4.37 16.99 12.30
N VAL A 86 -5.70 17.11 12.32
CA VAL A 86 -6.38 18.14 11.55
C VAL A 86 -6.34 19.47 12.30
N HIS A 87 -5.84 20.50 11.63
CA HIS A 87 -5.74 21.82 12.24
C HIS A 87 -6.97 22.68 11.93
N GLY A 94 -13.42 27.80 -2.25
CA GLY A 94 -12.74 26.64 -2.78
C GLY A 94 -11.91 25.93 -1.74
N GLN A 95 -12.24 26.17 -0.47
CA GLN A 95 -11.52 25.56 0.64
C GLN A 95 -11.87 24.08 0.78
N MET A 96 -10.98 23.32 1.40
CA MET A 96 -11.23 21.89 1.63
C MET A 96 -10.70 21.43 2.98
N ARG A 97 -11.56 20.84 3.80
CA ARG A 97 -11.14 20.31 5.09
C ARG A 97 -10.26 19.09 4.89
N GLU A 98 -9.33 18.86 5.81
CA GLU A 98 -8.43 17.72 5.74
C GLU A 98 -9.09 16.48 6.36
N PRO A 99 -8.77 15.30 5.83
CA PRO A 99 -9.38 14.05 6.30
C PRO A 99 -8.82 13.53 7.64
N ARG A 100 -9.72 13.09 8.52
CA ARG A 100 -9.30 12.41 9.73
C ARG A 100 -9.39 10.91 9.51
N GLY A 101 -8.98 10.13 10.50
CA GLY A 101 -8.98 8.67 10.39
C GLY A 101 -10.31 8.11 9.91
N SER A 102 -11.40 8.55 10.54
CA SER A 102 -12.74 8.06 10.17
C SER A 102 -13.15 8.49 8.77
N ASP A 103 -12.57 9.58 8.28
CA ASP A 103 -12.82 10.04 6.91
C ASP A 103 -12.18 9.11 5.90
N ILE A 104 -10.98 8.63 6.21
CA ILE A 104 -10.27 7.71 5.34
C ILE A 104 -10.98 6.36 5.30
N ALA A 105 -11.52 5.94 6.43
CA ALA A 105 -12.26 4.67 6.49
C ALA A 105 -13.66 4.82 5.89
N GLY A 106 -14.01 6.02 5.48
CA GLY A 106 -15.27 6.26 4.79
C GLY A 106 -16.52 6.34 5.66
N THR A 107 -16.34 6.29 6.99
CA THR A 107 -17.49 6.29 7.89
C THR A 107 -18.01 7.69 8.20
N THR A 108 -17.16 8.70 8.08
CA THR A 108 -17.58 10.08 8.37
C THR A 108 -17.43 11.00 7.17
N SER A 109 -17.06 10.44 6.02
CA SER A 109 -16.88 11.23 4.80
C SER A 109 -17.86 10.80 3.72
N THR A 110 -18.16 11.73 2.81
CA THR A 110 -18.97 11.41 1.64
C THR A 110 -18.07 10.96 0.50
N LEU A 111 -18.68 10.33 -0.50
CA LEU A 111 -17.95 9.95 -1.71
C LEU A 111 -17.38 11.21 -2.37
N GLN A 112 -18.17 12.28 -2.36
CA GLN A 112 -17.73 13.54 -2.93
C GLN A 112 -16.43 14.01 -2.26
N GLU A 113 -16.41 13.97 -0.93
CA GLU A 113 -15.24 14.39 -0.18
C GLU A 113 -14.03 13.51 -0.47
N GLN A 114 -14.27 12.21 -0.62
CA GLN A 114 -13.20 11.26 -0.89
C GLN A 114 -12.58 11.55 -2.25
N ILE A 115 -13.44 11.74 -3.25
CA ILE A 115 -12.94 12.05 -4.58
C ILE A 115 -12.20 13.38 -4.56
N GLY A 116 -12.70 14.32 -3.76
CA GLY A 116 -12.08 15.61 -3.61
C GLY A 116 -10.66 15.52 -3.07
N TRP A 117 -10.46 14.69 -2.06
CA TRP A 117 -9.10 14.51 -1.53
C TRP A 117 -8.18 13.82 -2.52
N MET A 118 -8.69 12.78 -3.18
CA MET A 118 -7.90 11.99 -4.11
C MET A 118 -7.47 12.79 -5.35
N THR A 119 -8.25 13.80 -5.71
CA THR A 119 -7.97 14.57 -6.92
C THR A 119 -7.47 15.98 -6.60
N HIS A 120 -7.27 16.24 -5.32
CA HIS A 120 -6.80 17.56 -4.87
C HIS A 120 -5.37 17.81 -5.33
N ASN A 121 -5.02 19.08 -5.49
CA ASN A 121 -3.63 19.46 -5.73
C ASN A 121 -3.06 20.22 -4.53
N PRO A 122 -2.21 19.57 -3.73
CA PRO A 122 -1.72 18.19 -3.90
C PRO A 122 -2.67 17.17 -3.28
N PRO A 123 -2.57 15.91 -3.72
CA PRO A 123 -3.58 14.91 -3.33
C PRO A 123 -3.30 14.20 -2.01
N ILE A 124 -4.35 13.73 -1.37
CA ILE A 124 -4.25 12.74 -0.31
C ILE A 124 -5.02 11.50 -0.78
N PRO A 125 -4.29 10.41 -1.11
CA PRO A 125 -4.91 9.22 -1.70
C PRO A 125 -5.62 8.36 -0.63
N VAL A 126 -6.78 8.83 -0.21
CA VAL A 126 -7.46 8.19 0.92
C VAL A 126 -7.84 6.73 0.62
N GLY A 127 -8.10 6.42 -0.64
CA GLY A 127 -8.38 5.05 -1.04
C GLY A 127 -7.18 4.15 -0.83
N GLU A 128 -6.00 4.62 -1.22
CA GLU A 128 -4.78 3.82 -1.08
C GLU A 128 -4.41 3.66 0.39
N ILE A 129 -4.66 4.69 1.17
CA ILE A 129 -4.36 4.65 2.59
C ILE A 129 -5.26 3.65 3.32
N TYR A 130 -6.57 3.76 3.09
CA TYR A 130 -7.54 2.84 3.68
C TYR A 130 -7.21 1.41 3.26
N LYS A 131 -6.82 1.25 2.00
CA LYS A 131 -6.50 -0.07 1.45
C LYS A 131 -5.40 -0.75 2.28
N ARG A 132 -4.40 0.03 2.69
CA ARG A 132 -3.33 -0.53 3.51
C ARG A 132 -3.85 -1.01 4.87
N TRP A 133 -4.74 -0.25 5.49
CA TRP A 133 -5.34 -0.64 6.76
C TRP A 133 -6.11 -1.95 6.59
N ILE A 134 -6.86 -2.07 5.50
CA ILE A 134 -7.61 -3.29 5.23
C ILE A 134 -6.68 -4.50 5.03
N ILE A 135 -5.61 -4.30 4.26
CA ILE A 135 -4.62 -5.36 4.08
C ILE A 135 -3.98 -5.79 5.41
N LEU A 136 -3.71 -4.85 6.30
CA LEU A 136 -3.25 -5.21 7.65
C LEU A 136 -4.27 -6.14 8.29
N GLY A 137 -5.54 -5.78 8.19
CA GLY A 137 -6.61 -6.60 8.73
C GLY A 137 -6.66 -7.97 8.09
N LEU A 138 -6.50 -8.03 6.77
CA LEU A 138 -6.53 -9.31 6.06
C LEU A 138 -5.39 -10.22 6.53
N ASN A 139 -4.21 -9.66 6.72
CA ASN A 139 -3.09 -10.42 7.27
C ASN A 139 -3.41 -11.00 8.64
N LYS A 140 -4.08 -10.21 9.47
CA LYS A 140 -4.44 -10.66 10.80
C LYS A 140 -5.49 -11.76 10.75
N ILE A 141 -6.36 -11.71 9.74
CA ILE A 141 -7.35 -12.75 9.56
C ILE A 141 -6.69 -14.07 9.18
N VAL A 142 -5.70 -14.00 8.29
CA VAL A 142 -4.91 -15.18 7.94
C VAL A 142 -4.33 -15.82 9.20
N ARG A 143 -3.74 -14.99 10.06
CA ARG A 143 -3.13 -15.49 11.28
C ARG A 143 -4.17 -16.07 12.25
N MET A 144 -5.29 -15.38 12.39
CA MET A 144 -6.35 -15.83 13.29
C MET A 144 -6.90 -17.19 12.90
N TYR A 145 -6.77 -17.53 11.62
CA TYR A 145 -7.31 -18.79 11.10
C TYR A 145 -6.24 -19.74 10.59
N SER A 146 -5.00 -19.51 11.02
CA SER A 146 -3.89 -20.37 10.61
C SER A 146 -4.00 -21.73 11.27
N PRO B 1 11.95 -1.51 -11.49
CA PRO B 1 10.54 -1.90 -11.40
C PRO B 1 10.15 -2.90 -12.50
N ILE B 2 9.25 -3.82 -12.17
CA ILE B 2 8.74 -4.78 -13.14
C ILE B 2 7.52 -4.22 -13.87
N VAL B 3 7.61 -4.14 -15.19
CA VAL B 3 6.49 -3.66 -16.00
C VAL B 3 6.38 -4.41 -17.32
N GLN B 4 5.22 -4.27 -17.97
CA GLN B 4 4.99 -4.90 -19.27
C GLN B 4 4.97 -3.86 -20.38
N ASN B 5 5.53 -4.21 -21.53
CA ASN B 5 5.59 -3.32 -22.68
C ASN B 5 4.20 -3.01 -23.23
N LEU B 6 4.16 -2.30 -24.36
CA LEU B 6 2.92 -2.09 -25.08
C LEU B 6 2.42 -3.45 -25.57
N GLN B 7 3.29 -4.45 -25.45
CA GLN B 7 2.95 -5.83 -25.79
C GLN B 7 2.26 -6.50 -24.61
N GLY B 8 3.06 -6.82 -23.59
CA GLY B 8 2.54 -7.48 -22.41
C GLY B 8 3.58 -8.38 -21.75
N GLN B 9 4.83 -8.22 -22.18
CA GLN B 9 5.94 -9.00 -21.64
C GLN B 9 6.49 -8.37 -20.36
N MET B 10 6.50 -9.14 -19.28
CA MET B 10 6.91 -8.65 -17.97
C MET B 10 8.43 -8.72 -17.81
N VAL B 11 9.08 -7.56 -17.82
CA VAL B 11 10.52 -7.48 -17.65
C VAL B 11 10.89 -6.56 -16.48
N HIS B 12 12.10 -6.73 -15.96
CA HIS B 12 12.58 -5.90 -14.87
C HIS B 12 13.76 -5.03 -15.30
N GLN B 13 13.52 -3.73 -15.39
CA GLN B 13 14.60 -2.78 -15.62
C GLN B 13 14.90 -2.04 -14.31
N ALA B 14 16.18 -1.94 -13.97
CA ALA B 14 16.58 -1.23 -12.76
C ALA B 14 15.98 0.17 -12.72
N ILE B 15 15.60 0.63 -11.53
CA ILE B 15 14.97 1.94 -11.39
C ILE B 15 15.82 3.02 -12.07
N SER B 16 15.18 3.82 -12.92
CA SER B 16 15.89 4.73 -13.81
C SER B 16 16.56 5.90 -13.09
N PRO B 17 17.52 6.55 -13.77
CA PRO B 17 18.16 7.77 -13.25
C PRO B 17 17.19 8.94 -13.15
N ARG B 18 16.33 9.11 -14.15
CA ARG B 18 15.39 10.22 -14.14
C ARG B 18 14.32 10.05 -13.05
N THR B 19 14.13 8.80 -12.62
CA THR B 19 13.22 8.54 -11.51
C THR B 19 13.89 8.82 -10.17
N LEU B 20 15.13 8.37 -10.02
CA LEU B 20 15.91 8.68 -8.83
C LEU B 20 16.11 10.19 -8.69
N ASN B 21 16.32 10.87 -9.81
CA ASN B 21 16.45 12.32 -9.80
C ASN B 21 15.18 13.01 -9.30
N ALA B 22 14.03 12.54 -9.79
CA ALA B 22 12.76 13.12 -9.41
C ALA B 22 12.54 12.93 -7.91
N TRP B 23 12.91 11.76 -7.40
CA TRP B 23 12.76 11.41 -5.99
C TRP B 23 13.60 12.33 -5.10
N VAL B 24 14.86 12.49 -5.43
CA VAL B 24 15.74 13.38 -4.68
C VAL B 24 15.21 14.81 -4.66
N LYS B 25 14.71 15.28 -5.80
CA LYS B 25 14.21 16.64 -5.91
C LYS B 25 13.00 16.93 -5.02
N VAL B 26 12.05 16.01 -4.95
CA VAL B 26 10.87 16.23 -4.12
C VAL B 26 11.22 16.19 -2.63
N VAL B 27 12.17 15.33 -2.27
CA VAL B 27 12.63 15.26 -0.89
C VAL B 27 13.28 16.59 -0.48
N GLU B 28 13.93 17.26 -1.44
CA GLU B 28 14.55 18.56 -1.18
C GLU B 28 13.54 19.70 -1.14
N GLU B 29 12.74 19.81 -2.19
CA GLU B 29 11.80 20.92 -2.30
C GLU B 29 10.69 20.88 -1.25
N LYS B 30 10.36 19.67 -0.81
CA LYS B 30 9.26 19.49 0.14
C LYS B 30 9.72 18.81 1.43
N ALA B 31 10.94 19.14 1.86
CA ALA B 31 11.51 18.53 3.06
C ALA B 31 10.54 18.54 4.23
N PHE B 32 10.36 17.38 4.85
CA PHE B 32 9.48 17.21 6.02
C PHE B 32 8.00 17.12 5.68
N SER B 33 7.64 17.42 4.44
CA SER B 33 6.22 17.53 4.10
C SER B 33 5.58 16.20 3.72
N PRO B 34 4.34 15.97 4.17
CA PRO B 34 3.59 14.78 3.75
C PRO B 34 3.36 14.72 2.23
N GLU B 35 3.48 15.86 1.54
CA GLU B 35 3.40 15.88 0.08
C GLU B 35 4.41 14.94 -0.57
N VAL B 36 5.51 14.67 0.14
CA VAL B 36 6.53 13.75 -0.36
C VAL B 36 5.99 12.33 -0.56
N ILE B 37 5.02 11.94 0.27
CA ILE B 37 4.60 10.54 0.33
C ILE B 37 3.84 10.10 -0.93
N PRO B 38 2.85 10.87 -1.39
CA PRO B 38 2.21 10.48 -2.65
C PRO B 38 3.21 10.47 -3.81
N MET B 39 4.24 11.31 -3.76
CA MET B 39 5.25 11.32 -4.82
C MET B 39 6.09 10.06 -4.77
N PHE B 40 6.40 9.60 -3.57
CA PHE B 40 7.11 8.34 -3.40
C PHE B 40 6.33 7.18 -4.01
N SER B 41 5.03 7.15 -3.73
CA SER B 41 4.18 6.10 -4.28
C SER B 41 4.16 6.16 -5.81
N ALA B 42 4.02 7.36 -6.34
CA ALA B 42 4.00 7.54 -7.80
C ALA B 42 5.29 7.11 -8.48
N LEU B 43 6.42 7.33 -7.82
CA LEU B 43 7.73 7.03 -8.41
C LEU B 43 8.19 5.59 -8.18
N SER B 44 7.57 4.90 -7.22
CA SER B 44 7.98 3.53 -6.90
C SER B 44 6.99 2.49 -7.45
N GLU B 45 6.13 2.93 -8.35
CA GLU B 45 5.17 2.01 -8.96
C GLU B 45 5.88 0.83 -9.62
N GLY B 46 5.69 -0.36 -9.07
CA GLY B 46 6.22 -1.59 -9.64
C GLY B 46 7.60 -1.97 -9.12
N ALA B 47 8.10 -1.22 -8.15
CA ALA B 47 9.47 -1.40 -7.68
C ALA B 47 9.72 -2.73 -6.96
N THR B 48 10.94 -3.24 -7.13
CA THR B 48 11.41 -4.39 -6.36
C THR B 48 12.06 -3.87 -5.08
N PRO B 49 12.20 -4.75 -4.08
CA PRO B 49 12.95 -4.35 -2.88
C PRO B 49 14.31 -3.77 -3.24
N GLN B 50 14.97 -4.34 -4.25
CA GLN B 50 16.24 -3.81 -4.73
C GLN B 50 16.12 -2.34 -5.15
N ASP B 51 15.11 -2.05 -5.96
CA ASP B 51 14.88 -0.69 -6.45
C ASP B 51 14.59 0.27 -5.31
N LEU B 52 13.75 -0.17 -4.37
CA LEU B 52 13.37 0.65 -3.23
C LEU B 52 14.59 1.06 -2.41
N ASN B 53 15.46 0.11 -2.12
CA ASN B 53 16.69 0.40 -1.38
C ASN B 53 17.58 1.39 -2.12
N THR B 54 17.56 1.31 -3.45
CA THR B 54 18.31 2.24 -4.28
C THR B 54 17.76 3.64 -4.13
N MET B 55 16.44 3.77 -4.11
CA MET B 55 15.78 5.05 -3.85
C MET B 55 16.20 5.60 -2.49
N LEU B 56 16.14 4.75 -1.47
CA LEU B 56 16.43 5.17 -0.11
C LEU B 56 17.87 5.61 0.08
N ASN B 57 18.80 4.91 -0.58
CA ASN B 57 20.22 5.24 -0.47
C ASN B 57 20.54 6.65 -0.97
N THR B 58 19.85 7.07 -2.03
CA THR B 58 20.11 8.39 -2.60
C THR B 58 19.72 9.55 -1.68
N VAL B 59 19.00 9.24 -0.60
CA VAL B 59 18.66 10.26 0.39
C VAL B 59 19.17 9.83 1.76
N GLY B 60 20.13 8.92 1.77
CA GLY B 60 20.62 8.33 2.99
C GLY B 60 21.40 9.27 3.89
N GLY B 61 21.85 10.39 3.33
CA GLY B 61 22.64 11.35 4.08
C GLY B 61 21.90 12.03 5.21
N HIS B 62 20.57 12.07 5.12
CA HIS B 62 19.75 12.67 6.17
C HIS B 62 19.61 11.67 7.32
N GLN B 63 20.58 11.72 8.23
CA GLN B 63 20.80 10.67 9.23
C GLN B 63 19.62 10.34 10.14
N ALA B 64 19.02 11.35 10.75
CA ALA B 64 17.92 11.11 11.68
C ALA B 64 16.72 10.46 10.99
N ALA B 65 16.32 11.02 9.85
CA ALA B 65 15.20 10.48 9.09
C ALA B 65 15.49 9.04 8.66
N MET B 66 16.69 8.81 8.13
CA MET B 66 17.05 7.47 7.68
C MET B 66 17.00 6.43 8.81
N GLN B 67 17.45 6.81 10.00
CA GLN B 67 17.44 5.88 11.14
C GLN B 67 16.02 5.54 11.59
N MET B 68 15.15 6.54 11.61
CA MET B 68 13.75 6.34 11.94
C MET B 68 13.12 5.36 10.96
N LEU B 69 13.45 5.52 9.68
CA LEU B 69 12.93 4.63 8.65
C LEU B 69 13.47 3.22 8.85
N LYS B 70 14.76 3.13 9.15
CA LYS B 70 15.42 1.84 9.40
C LYS B 70 14.79 1.07 10.55
N GLU B 71 14.54 1.76 11.67
CA GLU B 71 13.94 1.12 12.83
C GLU B 71 12.50 0.70 12.54
N THR B 72 11.79 1.53 11.78
CA THR B 72 10.41 1.20 11.40
C THR B 72 10.39 -0.07 10.56
N ILE B 73 11.28 -0.14 9.59
CA ILE B 73 11.40 -1.34 8.76
C ILE B 73 11.66 -2.59 9.61
N ASN B 74 12.47 -2.45 10.65
CA ASN B 74 12.78 -3.58 11.54
C ASN B 74 11.56 -4.04 12.33
N GLU B 75 10.81 -3.10 12.88
CA GLU B 75 9.59 -3.43 13.62
C GLU B 75 8.64 -4.21 12.71
N GLU B 76 8.46 -3.74 11.49
CA GLU B 76 7.55 -4.37 10.53
C GLU B 76 8.04 -5.75 10.08
N ALA B 77 9.34 -5.86 9.80
CA ALA B 77 9.93 -7.15 9.47
C ALA B 77 9.65 -8.14 10.59
N ALA B 78 9.71 -7.66 11.83
CA ALA B 78 9.41 -8.50 12.99
C ALA B 78 7.95 -8.93 12.99
N GLU B 79 7.04 -7.99 12.72
CA GLU B 79 5.62 -8.28 12.70
C GLU B 79 5.26 -9.22 11.55
N TRP B 80 6.06 -9.19 10.50
CA TRP B 80 5.86 -10.11 9.37
C TRP B 80 6.11 -11.55 9.79
N ASP B 81 7.26 -11.78 10.42
CA ASP B 81 7.64 -13.12 10.86
C ASP B 81 6.69 -13.66 11.91
N ARG B 82 5.97 -12.76 12.59
CA ARG B 82 5.00 -13.16 13.60
C ARG B 82 3.70 -13.64 12.94
N LEU B 83 3.29 -12.94 11.89
CA LEU B 83 2.06 -13.27 11.19
C LEU B 83 2.24 -14.34 10.13
N HIS B 84 3.49 -14.62 9.74
CA HIS B 84 3.76 -15.51 8.61
C HIS B 84 4.84 -16.55 8.86
N PRO B 85 4.75 -17.69 8.16
CA PRO B 85 5.62 -18.86 8.32
C PRO B 85 7.08 -18.61 7.92
N VAL B 86 7.89 -19.66 8.06
CA VAL B 86 9.28 -19.62 7.66
C VAL B 86 9.73 -21.03 7.31
N HIS B 87 10.72 -21.14 6.43
CA HIS B 87 11.22 -22.45 6.00
C HIS B 87 11.74 -23.26 7.19
N GLY B 94 14.47 -28.52 -6.51
CA GLY B 94 14.55 -27.12 -6.14
C GLY B 94 13.28 -26.35 -6.49
N GLN B 95 12.61 -25.85 -5.45
CA GLN B 95 11.39 -25.07 -5.64
C GLN B 95 11.61 -23.61 -5.26
N MET B 96 10.62 -22.99 -4.63
CA MET B 96 10.73 -21.60 -4.20
C MET B 96 10.34 -21.44 -2.73
N ARG B 97 11.25 -20.86 -1.95
CA ARG B 97 11.03 -20.68 -0.52
C ARG B 97 10.11 -19.50 -0.24
N GLU B 98 9.63 -19.41 0.99
CA GLU B 98 8.78 -18.30 1.41
C GLU B 98 9.62 -17.19 2.05
N PRO B 99 9.34 -15.94 1.70
CA PRO B 99 10.14 -14.81 2.18
C PRO B 99 9.93 -14.51 3.66
N ARG B 100 11.01 -14.19 4.36
CA ARG B 100 10.93 -13.71 5.72
C ARG B 100 11.14 -12.20 5.72
N GLY B 101 11.01 -11.59 6.89
CA GLY B 101 11.12 -10.14 7.01
C GLY B 101 12.28 -9.54 6.25
N SER B 102 13.44 -10.18 6.33
CA SER B 102 14.65 -9.65 5.71
C SER B 102 14.72 -9.86 4.21
N ASP B 103 13.97 -10.83 3.70
CA ASP B 103 13.87 -11.05 2.26
C ASP B 103 13.05 -9.96 1.59
N ILE B 104 11.97 -9.55 2.25
CA ILE B 104 11.11 -8.49 1.76
C ILE B 104 11.87 -7.16 1.77
N ALA B 105 12.60 -6.91 2.85
CA ALA B 105 13.41 -5.69 2.98
C ALA B 105 14.57 -5.66 1.98
N GLY B 106 14.85 -6.80 1.35
CA GLY B 106 15.88 -6.87 0.33
C GLY B 106 17.30 -7.02 0.87
N THR B 107 17.42 -7.47 2.11
CA THR B 107 18.72 -7.67 2.73
C THR B 107 19.30 -9.06 2.45
N THR B 108 18.42 -10.05 2.36
CA THR B 108 18.83 -11.45 2.25
C THR B 108 18.30 -12.13 1.00
N SER B 109 17.71 -11.36 0.11
CA SER B 109 17.17 -11.90 -1.13
C SER B 109 17.86 -11.28 -2.34
N THR B 110 17.88 -12.01 -3.44
CA THR B 110 18.51 -11.55 -4.67
C THR B 110 17.46 -10.92 -5.57
N LEU B 111 17.91 -10.15 -6.56
CA LEU B 111 16.98 -9.53 -7.48
C LEU B 111 16.05 -10.56 -8.10
N GLN B 112 16.62 -11.66 -8.58
CA GLN B 112 15.82 -12.70 -9.23
C GLN B 112 14.86 -13.41 -8.27
N GLU B 113 15.29 -13.62 -7.02
CA GLU B 113 14.40 -14.17 -6.00
C GLU B 113 13.18 -13.26 -5.81
N GLN B 114 13.44 -11.96 -5.69
CA GLN B 114 12.38 -10.97 -5.57
C GLN B 114 11.46 -11.03 -6.79
N ILE B 115 12.04 -11.06 -7.98
CA ILE B 115 11.27 -11.15 -9.21
C ILE B 115 10.46 -12.44 -9.26
N GLY B 116 11.02 -13.51 -8.69
CA GLY B 116 10.37 -14.80 -8.65
C GLY B 116 9.13 -14.79 -7.77
N TRP B 117 9.21 -14.11 -6.64
CA TRP B 117 8.07 -13.95 -5.77
C TRP B 117 7.01 -13.06 -6.43
N MET B 118 7.46 -11.99 -7.07
CA MET B 118 6.56 -10.98 -7.61
C MET B 118 5.79 -11.44 -8.85
N THR B 119 6.39 -12.32 -9.63
CA THR B 119 5.77 -12.76 -10.88
C THR B 119 5.16 -14.15 -10.79
N HIS B 120 5.45 -14.85 -9.70
CA HIS B 120 4.92 -16.19 -9.46
C HIS B 120 3.40 -16.23 -9.56
N ASN B 121 2.86 -17.42 -9.83
CA ASN B 121 1.41 -17.60 -9.85
C ASN B 121 0.97 -18.66 -8.86
N PRO B 122 0.36 -18.25 -7.75
CA PRO B 122 0.06 -16.84 -7.44
C PRO B 122 1.26 -16.12 -6.83
N PRO B 123 1.25 -14.78 -6.85
CA PRO B 123 2.41 -13.97 -6.46
C PRO B 123 2.47 -13.60 -4.97
N ILE B 124 3.68 -13.31 -4.51
CA ILE B 124 3.88 -12.59 -3.25
C ILE B 124 4.54 -11.27 -3.60
N PRO B 125 3.78 -10.17 -3.50
CA PRO B 125 4.26 -8.86 -3.97
C PRO B 125 5.23 -8.22 -2.97
N VAL B 126 6.42 -8.78 -2.86
CA VAL B 126 7.39 -8.32 -1.85
C VAL B 126 7.74 -6.84 -1.98
N GLY B 127 7.73 -6.33 -3.21
CA GLY B 127 7.96 -4.91 -3.45
C GLY B 127 6.87 -4.07 -2.80
N GLU B 128 5.62 -4.46 -3.03
CA GLU B 128 4.48 -3.75 -2.47
C GLU B 128 4.49 -3.82 -0.95
N ILE B 129 4.84 -4.99 -0.42
CA ILE B 129 4.87 -5.17 1.04
C ILE B 129 5.93 -4.25 1.66
N TYR B 130 7.14 -4.29 1.11
CA TYR B 130 8.22 -3.45 1.60
C TYR B 130 7.83 -1.97 1.50
N LYS B 131 7.18 -1.60 0.41
CA LYS B 131 6.76 -0.22 0.19
C LYS B 131 5.85 0.29 1.31
N ARG B 132 4.94 -0.56 1.79
CA ARG B 132 4.07 -0.17 2.90
C ARG B 132 4.88 0.12 4.16
N TRP B 133 5.91 -0.69 4.42
CA TRP B 133 6.80 -0.49 5.56
C TRP B 133 7.52 0.85 5.45
N ILE B 134 8.02 1.15 4.25
CA ILE B 134 8.72 2.40 4.01
C ILE B 134 7.78 3.59 4.20
N ILE B 135 6.55 3.47 3.69
CA ILE B 135 5.58 4.54 3.84
C ILE B 135 5.23 4.79 5.32
N LEU B 136 5.17 3.73 6.10
CA LEU B 136 4.98 3.89 7.55
C LEU B 136 6.11 4.74 8.13
N GLY B 137 7.33 4.46 7.70
CA GLY B 137 8.49 5.24 8.12
C GLY B 137 8.42 6.69 7.66
N LEU B 138 8.03 6.90 6.41
CA LEU B 138 7.91 8.28 5.91
C LEU B 138 6.88 9.06 6.72
N ASN B 139 5.78 8.41 7.09
CA ASN B 139 4.75 9.06 7.89
C ASN B 139 5.24 9.48 9.26
N LYS B 140 6.10 8.64 9.85
CA LYS B 140 6.68 8.95 11.16
C LYS B 140 7.70 10.08 11.05
N ILE B 141 8.42 10.12 9.94
CA ILE B 141 9.33 11.23 9.67
C ILE B 141 8.57 12.55 9.58
N VAL B 142 7.40 12.50 8.96
CA VAL B 142 6.54 13.70 8.88
C VAL B 142 6.16 14.19 10.28
N ARG B 143 5.66 13.29 11.14
CA ARG B 143 5.21 13.72 12.47
C ARG B 143 6.40 14.18 13.31
N MET B 144 7.52 13.50 13.13
CA MET B 144 8.78 13.77 13.80
C MET B 144 9.16 15.25 13.72
N TYR B 145 8.97 15.82 12.54
CA TYR B 145 9.38 17.19 12.26
C TYR B 145 8.18 18.14 12.12
N SER B 146 7.02 17.72 12.62
CA SER B 146 5.81 18.53 12.54
C SER B 146 5.81 19.65 13.58
#